data_7YYC
#
_entry.id   7YYC
#
_cell.length_a   75.756
_cell.length_b   124.875
_cell.length_c   118.689
_cell.angle_alpha   90.000
_cell.angle_beta   90.000
_cell.angle_gamma   90.000
#
_symmetry.space_group_name_H-M   'C 2 2 21'
#
loop_
_entity.id
_entity.type
_entity.pdbx_description
1 polymer 'Phosphopantetheine adenylyltransferase'
2 non-polymer '2-indol-1-ylethanoic acid'
3 water water
#
_entity_poly.entity_id   1
_entity_poly.type   'polypeptide(L)'
_entity_poly.pdbx_seq_one_letter_code
;SMTGAVCPGSFDPVTLGHLDVFERAAAQFDEVIVAVLINPNKAGMFTVDERIEMIRESTADLPNLRVESGQGLLVDFVRE
RGLNAIVKGLRTGTDFEYELQMAQMNKHIAGVDTFFVATAPAYSFVSSSLAKEVATYGGDVSALLPASVHQRLLGKLRGQ
AQ
;
_entity_poly.pdbx_strand_id   A,B,C
#
# COMPACT_ATOMS: atom_id res chain seq x y z
N MET A 2 -29.46 -24.33 -5.82
CA MET A 2 -28.69 -24.22 -4.59
C MET A 2 -27.38 -23.46 -4.80
N THR A 3 -27.42 -22.42 -5.63
CA THR A 3 -26.25 -21.57 -5.83
C THR A 3 -26.01 -20.72 -4.60
N GLY A 4 -24.79 -20.24 -4.44
CA GLY A 4 -24.48 -19.46 -3.25
C GLY A 4 -23.12 -18.80 -3.27
N ALA A 5 -23.02 -17.67 -2.56
CA ALA A 5 -21.76 -16.97 -2.48
C ALA A 5 -21.51 -16.40 -1.09
N VAL A 6 -20.24 -16.19 -0.77
CA VAL A 6 -19.84 -15.56 0.47
C VAL A 6 -19.28 -14.18 0.18
N CYS A 7 -19.78 -13.18 0.91
CA CYS A 7 -19.30 -11.80 0.83
C CYS A 7 -18.48 -11.50 2.09
N PRO A 8 -17.15 -11.47 1.97
CA PRO A 8 -16.27 -11.36 3.13
C PRO A 8 -15.76 -9.96 3.40
N GLY A 9 -15.43 -9.68 4.65
CA GLY A 9 -14.85 -8.41 5.04
C GLY A 9 -14.77 -8.28 6.54
N SER A 10 -14.12 -7.22 7.02
CA SER A 10 -14.13 -6.97 8.46
C SER A 10 -15.36 -6.17 8.87
N PHE A 11 -15.93 -5.41 7.91
CA PHE A 11 -17.17 -4.64 8.11
C PHE A 11 -17.20 -3.89 9.45
N ASP A 12 -16.22 -3.01 9.63
CA ASP A 12 -15.98 -2.33 10.89
C ASP A 12 -15.96 -0.81 10.71
N PRO A 13 -17.13 -0.20 10.39
CA PRO A 13 -18.46 -0.77 10.19
C PRO A 13 -18.81 -1.01 8.72
N VAL A 14 -19.91 -1.71 8.51
CA VAL A 14 -20.50 -1.88 7.18
C VAL A 14 -20.84 -0.48 6.62
N THR A 15 -20.60 -0.30 5.33
CA THR A 15 -20.91 0.93 4.62
C THR A 15 -22.02 0.70 3.58
N LEU A 16 -22.51 1.77 2.96
CA LEU A 16 -23.46 1.59 1.88
C LEU A 16 -22.83 0.97 0.62
N GLY A 17 -21.52 1.09 0.49
CA GLY A 17 -20.80 0.39 -0.56
C GLY A 17 -20.90 -1.12 -0.39
N HIS A 18 -20.66 -1.57 0.84
CA HIS A 18 -20.86 -2.98 1.17
C HIS A 18 -22.29 -3.43 0.91
N LEU A 19 -23.25 -2.63 1.36
CA LEU A 19 -24.64 -3.05 1.23
C LEU A 19 -25.06 -3.16 -0.22
N ASP A 20 -24.58 -2.25 -1.07
CA ASP A 20 -24.85 -2.34 -2.50
C ASP A 20 -24.39 -3.69 -3.06
N VAL A 21 -23.18 -4.09 -2.71
CA VAL A 21 -22.66 -5.36 -3.20
C VAL A 21 -23.44 -6.54 -2.59
N PHE A 22 -23.80 -6.47 -1.30
CA PHE A 22 -24.64 -7.55 -0.70
C PHE A 22 -25.94 -7.72 -1.48
N GLU A 23 -26.56 -6.60 -1.83
CA GLU A 23 -27.85 -6.62 -2.54
C GLU A 23 -27.71 -7.25 -3.92
N ARG A 24 -26.63 -6.90 -4.62
CA ARG A 24 -26.38 -7.50 -5.92
C ARG A 24 -26.13 -8.99 -5.82
N ALA A 25 -25.35 -9.40 -4.83
CA ALA A 25 -25.08 -10.81 -4.63
C ALA A 25 -26.38 -11.55 -4.33
N ALA A 26 -27.21 -10.97 -3.46
CA ALA A 26 -28.48 -11.63 -3.08
C ALA A 26 -29.44 -11.71 -4.27
N ALA A 27 -29.33 -10.77 -5.21
CA ALA A 27 -30.17 -10.78 -6.39
C ALA A 27 -29.73 -11.83 -7.41
N GLN A 28 -28.49 -12.30 -7.32
CA GLN A 28 -27.90 -13.16 -8.34
C GLN A 28 -27.53 -14.57 -7.89
N PHE A 29 -27.58 -14.82 -6.58
CA PHE A 29 -27.29 -16.13 -6.01
C PHE A 29 -28.44 -16.56 -5.10
N ASP A 30 -28.69 -17.87 -5.00
CA ASP A 30 -29.81 -18.35 -4.19
C ASP A 30 -29.63 -18.01 -2.72
N GLU A 31 -28.41 -18.17 -2.22
CA GLU A 31 -28.12 -17.76 -0.85
C GLU A 31 -26.82 -16.98 -0.78
N VAL A 32 -26.79 -16.00 0.12
CA VAL A 32 -25.59 -15.23 0.35
C VAL A 32 -25.25 -15.26 1.82
N ILE A 33 -23.99 -15.52 2.14
CA ILE A 33 -23.51 -15.39 3.51
C ILE A 33 -22.51 -14.26 3.60
N VAL A 34 -22.82 -13.26 4.43
CA VAL A 34 -21.86 -12.20 4.75
C VAL A 34 -20.94 -12.75 5.83
N ALA A 35 -19.65 -12.84 5.53
CA ALA A 35 -18.67 -13.37 6.48
C ALA A 35 -17.94 -12.22 7.13
N VAL A 36 -18.19 -12.05 8.42
CA VAL A 36 -17.50 -11.02 9.20
C VAL A 36 -16.23 -11.63 9.75
N LEU A 37 -15.12 -11.34 9.09
CA LEU A 37 -13.86 -11.97 9.44
C LEU A 37 -13.13 -11.16 10.50
N ILE A 38 -12.73 -11.87 11.54
CA ILE A 38 -12.21 -11.28 12.76
C ILE A 38 -10.75 -11.66 12.94
N ASN A 39 -9.90 -10.68 13.23
CA ASN A 39 -8.55 -10.96 13.66
C ASN A 39 -8.56 -11.05 15.17
N PRO A 40 -8.31 -12.25 15.73
CA PRO A 40 -8.41 -12.40 17.18
C PRO A 40 -7.31 -11.64 17.91
N ASN A 41 -6.34 -11.11 17.16
CA ASN A 41 -5.21 -10.41 17.75
C ASN A 41 -5.37 -8.88 17.74
N LYS A 42 -6.22 -8.36 16.85
CA LYS A 42 -6.44 -6.92 16.84
C LYS A 42 -7.94 -6.58 16.85
N ALA A 43 -8.36 -5.87 17.88
CA ALA A 43 -9.74 -5.43 17.98
C ALA A 43 -9.97 -4.26 17.03
N GLY A 44 -11.17 -4.18 16.47
CA GLY A 44 -11.51 -3.04 15.65
C GLY A 44 -12.25 -2.04 16.50
N MET A 45 -13.06 -1.20 15.87
CA MET A 45 -13.85 -0.23 16.59
C MET A 45 -15.08 -0.89 17.21
N PHE A 46 -15.68 -1.78 16.43
CA PHE A 46 -16.90 -2.47 16.86
C PHE A 46 -16.62 -3.93 17.19
N THR A 47 -17.32 -4.43 18.21
CA THR A 47 -17.25 -5.85 18.53
C THR A 47 -17.91 -6.66 17.44
N VAL A 48 -17.65 -7.96 17.41
CA VAL A 48 -18.28 -8.82 16.42
C VAL A 48 -19.81 -8.73 16.47
N ASP A 49 -20.40 -8.77 17.66
CA ASP A 49 -21.86 -8.73 17.75
C ASP A 49 -22.42 -7.39 17.25
N GLU A 50 -21.72 -6.29 17.52
CA GLU A 50 -22.11 -5.00 16.99
C GLU A 50 -22.06 -4.96 15.47
N ARG A 51 -20.98 -5.48 14.90
CA ARG A 51 -20.85 -5.54 13.45
C ARG A 51 -21.98 -6.32 12.81
N ILE A 52 -22.31 -7.47 13.41
CA ILE A 52 -23.34 -8.33 12.85
C ILE A 52 -24.70 -7.67 12.97
N GLU A 53 -24.95 -7.02 14.10
CA GLU A 53 -26.23 -6.33 14.31
C GLU A 53 -26.41 -5.20 13.28
N MET A 54 -25.35 -4.46 13.01
CA MET A 54 -25.47 -3.36 12.07
C MET A 54 -25.73 -3.87 10.65
N ILE A 55 -25.14 -5.00 10.28
CA ILE A 55 -25.41 -5.57 8.97
C ILE A 55 -26.83 -6.13 8.91
N ARG A 56 -27.26 -6.84 9.94
CA ARG A 56 -28.59 -7.43 9.92
C ARG A 56 -29.68 -6.37 9.80
N GLU A 57 -29.52 -5.27 10.51
CA GLU A 57 -30.52 -4.23 10.52
C GLU A 57 -30.65 -3.56 9.16
N SER A 58 -29.57 -3.54 8.39
CA SER A 58 -29.62 -2.89 7.09
C SER A 58 -29.82 -3.88 5.94
N THR A 59 -29.99 -5.17 6.25
CA THR A 59 -30.25 -6.18 5.24
C THR A 59 -31.54 -6.95 5.48
N ALA A 60 -32.46 -6.37 6.24
CA ALA A 60 -33.68 -7.07 6.63
C ALA A 60 -34.59 -7.35 5.44
N ASP A 61 -34.44 -6.58 4.37
CA ASP A 61 -35.24 -6.78 3.16
C ASP A 61 -34.67 -7.87 2.24
N LEU A 62 -33.56 -8.48 2.63
CA LEU A 62 -32.95 -9.54 1.83
C LEU A 62 -33.15 -10.90 2.48
N PRO A 63 -34.19 -11.63 2.06
CA PRO A 63 -34.57 -12.86 2.75
C PRO A 63 -33.55 -14.00 2.61
N ASN A 64 -32.69 -13.93 1.59
CA ASN A 64 -31.78 -15.03 1.32
C ASN A 64 -30.35 -14.71 1.73
N LEU A 65 -30.20 -13.69 2.56
CA LEU A 65 -28.89 -13.31 3.06
C LEU A 65 -28.81 -13.60 4.55
N ARG A 66 -27.70 -14.19 4.98
CA ARG A 66 -27.46 -14.34 6.41
C ARG A 66 -26.06 -13.87 6.77
N VAL A 67 -25.84 -13.62 8.06
CA VAL A 67 -24.59 -13.03 8.50
C VAL A 67 -23.92 -13.92 9.55
N GLU A 68 -22.67 -14.28 9.32
CA GLU A 68 -21.91 -15.11 10.27
C GLU A 68 -20.47 -14.62 10.42
N SER A 69 -19.91 -14.72 11.62
CA SER A 69 -18.51 -14.38 11.80
C SER A 69 -17.59 -15.59 11.64
N GLY A 70 -16.30 -15.31 11.45
CA GLY A 70 -15.31 -16.35 11.32
C GLY A 70 -13.90 -15.77 11.43
N GLN A 71 -12.92 -16.65 11.35
CA GLN A 71 -11.51 -16.25 11.39
C GLN A 71 -10.71 -17.31 10.66
N GLY A 72 -9.43 -17.07 10.47
CA GLY A 72 -8.60 -18.03 9.73
C GLY A 72 -8.84 -17.92 8.23
N LEU A 73 -8.65 -19.01 7.52
CA LEU A 73 -8.75 -19.01 6.05
C LEU A 73 -10.18 -18.82 5.56
N LEU A 74 -10.37 -17.79 4.75
CA LEU A 74 -11.66 -17.57 4.13
C LEU A 74 -12.15 -18.80 3.36
N VAL A 75 -11.26 -19.47 2.62
CA VAL A 75 -11.72 -20.60 1.82
C VAL A 75 -12.25 -21.73 2.69
N ASP A 76 -11.78 -21.85 3.93
CA ASP A 76 -12.37 -22.86 4.82
C ASP A 76 -13.79 -22.47 5.25
N PHE A 77 -14.00 -21.19 5.55
CA PHE A 77 -15.34 -20.68 5.86
C PHE A 77 -16.30 -20.99 4.71
N VAL A 78 -15.84 -20.73 3.48
CA VAL A 78 -16.66 -20.96 2.29
C VAL A 78 -16.96 -22.46 2.10
N ARG A 79 -15.94 -23.29 2.09
CA ARG A 79 -16.12 -24.73 1.81
C ARG A 79 -16.90 -25.44 2.91
N GLU A 80 -16.71 -25.02 4.16
CA GLU A 80 -17.42 -25.72 5.25
C GLU A 80 -18.94 -25.48 5.17
N ARG A 81 -19.36 -24.51 4.36
CA ARG A 81 -20.77 -24.23 4.12
C ARG A 81 -21.27 -24.81 2.79
N GLY A 82 -20.44 -25.63 2.17
CA GLY A 82 -20.80 -26.30 0.92
C GLY A 82 -20.82 -25.37 -0.28
N LEU A 83 -20.10 -24.26 -0.17
CA LEU A 83 -20.04 -23.29 -1.25
C LEU A 83 -18.64 -23.22 -1.83
N ASN A 84 -18.48 -22.58 -3.00
CA ASN A 84 -17.14 -22.37 -3.50
C ASN A 84 -17.05 -21.09 -4.33
N ALA A 85 -17.81 -20.10 -3.90
CA ALA A 85 -17.72 -18.77 -4.53
C ALA A 85 -17.66 -17.64 -3.50
N ILE A 86 -16.79 -16.68 -3.80
CA ILE A 86 -16.63 -15.43 -3.07
C ILE A 86 -17.09 -14.30 -3.98
N VAL A 87 -17.88 -13.36 -3.46
CA VAL A 87 -18.20 -12.13 -4.18
C VAL A 87 -17.61 -10.98 -3.39
N LYS A 88 -16.75 -10.20 -4.04
CA LYS A 88 -16.03 -9.10 -3.41
C LYS A 88 -16.29 -7.83 -4.16
N GLY A 89 -16.54 -6.75 -3.43
CA GLY A 89 -16.75 -5.44 -4.04
C GLY A 89 -15.46 -4.72 -4.40
N LEU A 90 -15.56 -3.89 -5.43
CA LEU A 90 -14.48 -2.98 -5.84
C LEU A 90 -14.91 -1.54 -5.60
N ARG A 91 -14.00 -0.73 -5.06
CA ARG A 91 -14.28 0.70 -4.87
C ARG A 91 -13.05 1.49 -5.26
N THR A 92 -13.17 2.81 -5.26
CA THR A 92 -12.00 3.65 -5.46
C THR A 92 -11.05 3.49 -4.29
N GLY A 93 -9.79 3.14 -4.59
CA GLY A 93 -8.82 2.85 -3.55
C GLY A 93 -8.66 1.38 -3.22
N THR A 94 -9.44 0.52 -3.88
CA THR A 94 -9.23 -0.92 -3.72
C THR A 94 -7.84 -1.28 -4.22
N ASP A 95 -7.13 -2.10 -3.44
CA ASP A 95 -5.86 -2.66 -3.91
C ASP A 95 -6.19 -3.86 -4.78
N PHE A 96 -6.49 -3.61 -6.03
CA PHE A 96 -6.97 -4.72 -6.88
C PHE A 96 -5.88 -5.76 -7.13
N GLU A 97 -4.64 -5.33 -7.22
CA GLU A 97 -3.56 -6.32 -7.45
C GLU A 97 -3.48 -7.29 -6.28
N TYR A 98 -3.65 -6.80 -5.06
CA TYR A 98 -3.64 -7.72 -3.90
C TYR A 98 -4.87 -8.63 -3.95
N GLU A 99 -6.02 -8.06 -4.27
CA GLU A 99 -7.22 -8.89 -4.37
C GLU A 99 -7.03 -9.98 -5.42
N LEU A 100 -6.38 -9.66 -6.54
CA LEU A 100 -6.11 -10.64 -7.59
CA LEU A 100 -6.15 -10.67 -7.57
C LEU A 100 -5.19 -11.75 -7.08
N GLN A 101 -4.15 -11.35 -6.37
CA GLN A 101 -3.21 -12.30 -5.80
C GLN A 101 -3.95 -13.26 -4.88
N MET A 102 -4.78 -12.72 -3.99
CA MET A 102 -5.54 -13.56 -3.07
C MET A 102 -6.54 -14.45 -3.79
N ALA A 103 -7.19 -13.92 -4.82
CA ALA A 103 -8.10 -14.75 -5.60
C ALA A 103 -7.39 -15.94 -6.26
N GLN A 104 -6.19 -15.72 -6.81
CA GLN A 104 -5.49 -16.82 -7.46
C GLN A 104 -4.99 -17.81 -6.43
N MET A 105 -4.54 -17.31 -5.28
CA MET A 105 -4.13 -18.21 -4.20
C MET A 105 -5.31 -19.03 -3.70
N ASN A 106 -6.47 -18.39 -3.52
CA ASN A 106 -7.66 -19.08 -3.00
C ASN A 106 -8.19 -20.17 -3.95
N LYS A 107 -8.10 -19.92 -5.25
CA LYS A 107 -8.46 -20.92 -6.25
C LYS A 107 -7.46 -22.07 -6.20
N HIS A 108 -6.18 -21.74 -6.08
CA HIS A 108 -5.14 -22.75 -6.03
C HIS A 108 -5.29 -23.70 -4.85
N ILE A 109 -5.51 -23.15 -3.65
CA ILE A 109 -5.50 -24.00 -2.45
C ILE A 109 -6.83 -24.69 -2.17
N ALA A 110 -7.93 -24.20 -2.72
CA ALA A 110 -9.24 -24.72 -2.35
C ALA A 110 -10.28 -24.79 -3.45
N GLY A 111 -9.92 -24.36 -4.66
CA GLY A 111 -10.81 -24.45 -5.79
C GLY A 111 -11.96 -23.46 -5.76
N VAL A 112 -11.84 -22.45 -4.90
CA VAL A 112 -12.89 -21.45 -4.71
C VAL A 112 -12.70 -20.30 -5.71
N ASP A 113 -13.80 -19.90 -6.35
CA ASP A 113 -13.80 -18.83 -7.33
C ASP A 113 -14.11 -17.50 -6.68
N THR A 114 -13.51 -16.42 -7.19
CA THR A 114 -13.81 -15.07 -6.70
C THR A 114 -14.38 -14.22 -7.82
N PHE A 115 -15.56 -13.66 -7.57
CA PHE A 115 -16.22 -12.74 -8.51
C PHE A 115 -16.17 -11.34 -7.97
N PHE A 116 -15.67 -10.40 -8.76
CA PHE A 116 -15.58 -9.00 -8.35
C PHE A 116 -16.68 -8.18 -8.99
N VAL A 117 -17.27 -7.29 -8.19
CA VAL A 117 -18.29 -6.39 -8.72
C VAL A 117 -18.02 -4.97 -8.21
N ALA A 118 -18.11 -4.01 -9.11
CA ALA A 118 -17.87 -2.63 -8.72
C ALA A 118 -19.08 -2.05 -8.00
N THR A 119 -18.83 -1.40 -6.86
CA THR A 119 -19.86 -0.67 -6.16
C THR A 119 -20.40 0.47 -7.02
N ALA A 120 -21.63 0.87 -6.74
CA ALA A 120 -22.25 2.00 -7.41
C ALA A 120 -21.38 3.24 -7.25
N PRO A 121 -21.35 4.10 -8.27
CA PRO A 121 -20.55 5.33 -8.17
C PRO A 121 -20.79 6.15 -6.88
N ALA A 122 -22.04 6.30 -6.46
CA ALA A 122 -22.35 7.08 -5.28
C ALA A 122 -21.65 6.54 -4.03
N TYR A 123 -21.38 5.24 -4.03
CA TYR A 123 -20.79 4.60 -2.86
C TYR A 123 -19.35 4.15 -3.08
N SER A 124 -18.74 4.63 -4.16
CA SER A 124 -17.45 4.14 -4.62
C SER A 124 -16.25 4.72 -3.87
N PHE A 125 -16.46 5.78 -3.07
CA PHE A 125 -15.31 6.38 -2.39
C PHE A 125 -15.39 6.23 -0.87
N VAL A 126 -16.42 5.58 -0.37
CA VAL A 126 -16.45 5.25 1.05
C VAL A 126 -15.69 3.96 1.31
N SER A 127 -15.01 3.91 2.44
CA SER A 127 -14.48 2.66 2.98
C SER A 127 -14.69 2.72 4.48
N SER A 128 -14.66 1.57 5.16
CA SER A 128 -14.79 1.60 6.62
C SER A 128 -13.72 2.50 7.24
N SER A 129 -12.48 2.33 6.80
CA SER A 129 -11.39 3.10 7.37
C SER A 129 -11.50 4.59 7.11
N LEU A 130 -11.84 4.99 5.88
CA LEU A 130 -11.90 6.42 5.59
C LEU A 130 -13.12 7.05 6.27
N ALA A 131 -14.21 6.30 6.36
CA ALA A 131 -15.41 6.79 7.06
C ALA A 131 -15.09 7.05 8.53
N LYS A 132 -14.40 6.11 9.17
CA LYS A 132 -14.01 6.29 10.56
C LYS A 132 -13.06 7.49 10.72
N GLU A 133 -12.09 7.62 9.82
CA GLU A 133 -11.13 8.72 9.90
C GLU A 133 -11.82 10.06 9.74
N VAL A 134 -12.68 10.18 8.74
CA VAL A 134 -13.38 11.43 8.50
C VAL A 134 -14.30 11.78 9.67
N ALA A 135 -15.02 10.79 10.18
CA ALA A 135 -15.96 11.03 11.27
C ALA A 135 -15.22 11.40 12.56
N THR A 136 -14.00 10.89 12.73
CA THR A 136 -13.18 11.18 13.90
C THR A 136 -12.93 12.68 14.01
N TYR A 137 -12.71 13.31 12.87
CA TYR A 137 -12.42 14.73 12.85
C TYR A 137 -13.61 15.58 12.42
N GLY A 138 -14.81 15.01 12.57
CA GLY A 138 -16.04 15.79 12.44
C GLY A 138 -16.75 15.83 11.10
N GLY A 139 -16.16 15.20 10.08
CA GLY A 139 -16.74 15.21 8.75
C GLY A 139 -18.04 14.43 8.66
N ASP A 140 -18.92 14.88 7.78
CA ASP A 140 -20.26 14.33 7.65
C ASP A 140 -20.28 13.14 6.68
N VAL A 141 -20.34 11.93 7.23
CA VAL A 141 -20.38 10.73 6.40
C VAL A 141 -21.76 10.06 6.45
N SER A 142 -22.76 10.78 6.96
CA SER A 142 -24.10 10.25 7.13
C SER A 142 -24.72 9.69 5.86
N ALA A 143 -24.35 10.25 4.70
CA ALA A 143 -24.95 9.77 3.46
C ALA A 143 -24.25 8.52 2.89
N LEU A 144 -23.21 8.05 3.56
CA LEU A 144 -22.38 6.95 3.04
C LEU A 144 -22.51 5.68 3.86
N LEU A 145 -23.28 5.78 4.94
CA LEU A 145 -23.45 4.69 5.90
C LEU A 145 -24.92 4.45 6.11
N PRO A 146 -25.32 3.20 6.35
CA PRO A 146 -26.71 2.93 6.72
C PRO A 146 -27.07 3.52 8.08
N ALA A 147 -28.35 3.76 8.30
CA ALA A 147 -28.83 4.32 9.56
C ALA A 147 -28.46 3.43 10.74
N SER A 148 -28.30 2.13 10.49
CA SER A 148 -27.94 1.20 11.56
C SER A 148 -26.53 1.46 12.09
N VAL A 149 -25.77 2.29 11.38
CA VAL A 149 -24.35 2.50 11.69
C VAL A 149 -24.01 3.90 12.20
N HIS A 150 -24.63 4.92 11.60
CA HIS A 150 -24.09 6.27 11.69
C HIS A 150 -23.99 6.79 13.12
N GLN A 151 -25.10 6.74 13.86
CA GLN A 151 -25.06 7.29 15.20
C GLN A 151 -24.31 6.36 16.17
N ARG A 152 -24.29 5.06 15.90
CA ARG A 152 -23.44 4.16 16.69
C ARG A 152 -21.96 4.51 16.51
N LEU A 153 -21.59 4.85 15.27
CA LEU A 153 -20.23 5.31 15.02
C LEU A 153 -19.91 6.58 15.82
N LEU A 154 -20.78 7.57 15.74
CA LEU A 154 -20.55 8.80 16.48
C LEU A 154 -20.45 8.51 17.98
N GLY A 155 -21.28 7.59 18.46
CA GLY A 155 -21.25 7.17 19.84
C GLY A 155 -19.89 6.63 20.27
N LYS A 156 -19.35 5.70 19.46
CA LYS A 156 -18.01 5.17 19.71
C LYS A 156 -16.97 6.28 19.75
N LEU A 157 -17.10 7.25 18.85
CA LEU A 157 -16.11 8.32 18.75
C LEU A 157 -16.21 9.29 19.92
N ARG A 158 -17.37 9.33 20.56
CA ARG A 158 -17.53 10.18 21.74
C ARG A 158 -17.52 9.36 23.03
N MET B 2 -10.72 36.86 -6.53
CA MET B 2 -9.65 36.32 -5.70
C MET B 2 -9.70 34.79 -5.64
N THR B 3 -8.74 34.14 -6.27
CA THR B 3 -8.68 32.68 -6.32
C THR B 3 -7.68 32.17 -5.29
N GLY B 4 -7.71 30.88 -4.99
CA GLY B 4 -6.79 30.34 -4.01
C GLY B 4 -6.83 28.84 -3.85
N ALA B 5 -5.72 28.27 -3.42
CA ALA B 5 -5.65 26.82 -3.19
C ALA B 5 -4.74 26.49 -2.01
N VAL B 6 -4.99 25.33 -1.40
CA VAL B 6 -4.15 24.82 -0.33
C VAL B 6 -3.32 23.64 -0.85
N CYS B 7 -2.01 23.65 -0.57
CA CYS B 7 -1.13 22.51 -0.85
C CYS B 7 -0.76 21.81 0.45
N PRO B 8 -1.35 20.63 0.71
CA PRO B 8 -1.20 19.94 2.00
C PRO B 8 -0.11 18.87 2.01
N GLY B 9 0.50 18.65 3.17
CA GLY B 9 1.44 17.55 3.30
C GLY B 9 2.12 17.58 4.66
N SER B 10 2.97 16.60 4.91
CA SER B 10 3.79 16.64 6.12
C SER B 10 5.13 17.35 5.86
N PHE B 11 5.63 17.27 4.62
CA PHE B 11 6.85 17.97 4.21
C PHE B 11 8.00 17.80 5.21
N ASP B 12 8.40 16.55 5.40
CA ASP B 12 9.38 16.19 6.44
C ASP B 12 10.59 15.45 5.85
N PRO B 13 11.46 16.15 5.12
CA PRO B 13 11.45 17.59 4.79
C PRO B 13 10.85 17.87 3.41
N VAL B 14 10.64 19.16 3.13
CA VAL B 14 10.23 19.57 1.80
C VAL B 14 11.28 19.17 0.75
N THR B 15 10.81 18.74 -0.42
CA THR B 15 11.68 18.30 -1.50
C THR B 15 11.53 19.25 -2.68
N LEU B 16 12.37 19.09 -3.69
CA LEU B 16 12.22 19.86 -4.91
C LEU B 16 10.98 19.45 -5.69
N GLY B 17 10.50 18.23 -5.47
CA GLY B 17 9.20 17.83 -6.04
C GLY B 17 8.08 18.68 -5.47
N HIS B 18 8.08 18.86 -4.14
CA HIS B 18 7.12 19.73 -3.50
C HIS B 18 7.23 21.15 -4.00
N LEU B 19 8.45 21.65 -4.06
CA LEU B 19 8.69 23.03 -4.46
C LEU B 19 8.18 23.29 -5.87
N ASP B 20 8.39 22.32 -6.76
CA ASP B 20 7.94 22.45 -8.14
C ASP B 20 6.42 22.67 -8.15
N VAL B 21 5.71 21.85 -7.39
CA VAL B 21 4.26 21.98 -7.34
C VAL B 21 3.82 23.29 -6.65
N PHE B 22 4.52 23.70 -5.60
CA PHE B 22 4.23 25.00 -4.97
C PHE B 22 4.33 26.15 -5.97
N GLU B 23 5.36 26.11 -6.80
CA GLU B 23 5.63 27.16 -7.78
C GLU B 23 4.52 27.19 -8.81
N ARG B 24 4.09 26.01 -9.24
CA ARG B 24 3.03 25.97 -10.23
C ARG B 24 1.71 26.45 -9.65
N ALA B 25 1.40 26.06 -8.41
CA ALA B 25 0.21 26.57 -7.74
C ALA B 25 0.26 28.09 -7.62
N ALA B 26 1.41 28.61 -7.19
CA ALA B 26 1.53 30.05 -6.95
C ALA B 26 1.44 30.84 -8.25
N ALA B 27 1.84 30.20 -9.36
CA ALA B 27 1.73 30.85 -10.67
C ALA B 27 0.29 30.87 -11.20
N GLN B 28 -0.58 30.01 -10.68
CA GLN B 28 -1.92 29.87 -11.26
C GLN B 28 -3.06 30.31 -10.35
N PHE B 29 -2.78 30.54 -9.07
CA PHE B 29 -3.81 30.97 -8.11
C PHE B 29 -3.37 32.28 -7.44
N ASP B 30 -4.33 33.13 -7.06
CA ASP B 30 -3.96 34.43 -6.46
C ASP B 30 -3.28 34.23 -5.11
N GLU B 31 -3.74 33.21 -4.38
CA GLU B 31 -3.24 32.91 -3.05
C GLU B 31 -3.00 31.41 -2.91
N VAL B 32 -1.87 31.04 -2.31
CA VAL B 32 -1.60 29.64 -2.00
C VAL B 32 -1.21 29.52 -0.55
N ILE B 33 -1.79 28.54 0.14
CA ILE B 33 -1.37 28.22 1.50
C ILE B 33 -0.80 26.83 1.52
N VAL B 34 0.46 26.71 1.93
CA VAL B 34 1.03 25.39 2.19
C VAL B 34 0.64 24.98 3.59
N ALA B 35 -0.08 23.87 3.70
CA ALA B 35 -0.55 23.38 4.99
C ALA B 35 0.34 22.25 5.46
N VAL B 36 1.05 22.50 6.55
CA VAL B 36 1.97 21.55 7.15
C VAL B 36 1.20 20.81 8.23
N LEU B 37 0.78 19.58 7.93
CA LEU B 37 -0.23 18.94 8.76
C LEU B 37 0.38 17.91 9.67
N ILE B 38 0.17 18.11 10.97
CA ILE B 38 0.93 17.39 11.98
C ILE B 38 0.13 16.22 12.56
N ASN B 39 0.84 15.14 12.86
CA ASN B 39 0.22 13.86 13.19
C ASN B 39 0.63 13.41 14.61
N PRO B 40 0.11 12.27 15.11
CA PRO B 40 0.54 11.92 16.48
C PRO B 40 1.82 11.09 16.52
N ALA B 43 6.24 13.11 15.28
CA ALA B 43 6.20 11.74 14.78
C ALA B 43 7.28 11.52 13.72
N GLY B 44 7.89 12.61 13.25
CA GLY B 44 8.86 12.52 12.18
C GLY B 44 10.25 13.02 12.55
N MET B 45 11.00 13.44 11.54
CA MET B 45 12.38 13.88 11.74
C MET B 45 12.47 15.34 12.16
N PHE B 46 11.68 16.19 11.52
CA PHE B 46 11.72 17.63 11.79
C PHE B 46 10.49 18.10 12.54
N THR B 47 10.66 19.05 13.45
CA THR B 47 9.52 19.62 14.14
C THR B 47 8.70 20.43 13.15
N VAL B 48 7.44 20.70 13.49
CA VAL B 48 6.58 21.51 12.62
C VAL B 48 7.20 22.87 12.34
N ASP B 49 7.84 23.46 13.34
CA ASP B 49 8.47 24.75 13.15
C ASP B 49 9.63 24.65 12.18
N GLU B 50 10.43 23.60 12.30
CA GLU B 50 11.55 23.40 11.40
C GLU B 50 11.06 23.20 9.97
N ARG B 51 9.98 22.44 9.82
CA ARG B 51 9.43 22.18 8.47
C ARG B 51 8.92 23.47 7.83
N ILE B 52 8.22 24.28 8.62
CA ILE B 52 7.72 25.57 8.13
C ILE B 52 8.86 26.47 7.70
N GLU B 53 9.92 26.49 8.48
CA GLU B 53 11.08 27.33 8.18
C GLU B 53 11.74 26.89 6.87
N MET B 54 11.88 25.58 6.68
CA MET B 54 12.48 25.05 5.46
C MET B 54 11.63 25.38 4.23
N ILE B 55 10.32 25.33 4.39
CA ILE B 55 9.44 25.69 3.28
C ILE B 55 9.54 27.20 2.96
N ARG B 56 9.52 28.02 4.01
CA ARG B 56 9.65 29.47 3.78
C ARG B 56 10.97 29.83 3.11
N GLU B 57 12.06 29.18 3.54
CA GLU B 57 13.35 29.39 2.89
C GLU B 57 13.26 29.05 1.41
N SER B 58 12.58 27.95 1.10
CA SER B 58 12.52 27.45 -0.27
C SER B 58 11.57 28.24 -1.17
N THR B 59 10.61 28.94 -0.56
CA THR B 59 9.58 29.65 -1.32
C THR B 59 9.69 31.16 -1.17
N ALA B 60 10.89 31.64 -0.87
CA ALA B 60 11.12 33.06 -0.65
C ALA B 60 10.70 33.94 -1.82
N ASP B 61 10.75 33.39 -3.03
CA ASP B 61 10.41 34.13 -4.25
C ASP B 61 8.94 34.09 -4.61
N LEU B 62 8.10 33.51 -3.74
CA LEU B 62 6.68 33.36 -4.02
C LEU B 62 5.86 34.23 -3.07
N PRO B 63 5.59 35.49 -3.46
CA PRO B 63 4.98 36.41 -2.51
C PRO B 63 3.53 36.08 -2.14
N ASN B 64 2.86 35.30 -2.99
CA ASN B 64 1.46 34.99 -2.77
C ASN B 64 1.26 33.63 -2.13
N LEU B 65 2.35 33.02 -1.70
CA LEU B 65 2.33 31.73 -1.01
C LEU B 65 2.68 31.95 0.45
N ARG B 66 1.87 31.41 1.35
CA ARG B 66 2.24 31.43 2.77
C ARG B 66 2.18 30.04 3.35
N VAL B 67 2.84 29.85 4.48
CA VAL B 67 2.99 28.53 5.10
C VAL B 67 2.38 28.52 6.48
N GLU B 68 1.52 27.54 6.75
CA GLU B 68 0.85 27.42 8.03
C GLU B 68 0.76 25.97 8.48
N SER B 69 0.70 25.74 9.79
CA SER B 69 0.50 24.40 10.31
C SER B 69 -0.99 24.15 10.49
N GLY B 70 -1.37 22.87 10.48
CA GLY B 70 -2.75 22.50 10.69
C GLY B 70 -2.92 21.10 11.24
N GLN B 71 -4.11 20.85 11.77
CA GLN B 71 -4.49 19.54 12.28
C GLN B 71 -5.93 19.22 11.91
N GLY B 72 -6.30 17.96 12.00
CA GLY B 72 -7.68 17.56 11.81
C GLY B 72 -8.06 17.45 10.35
N LEU B 73 -9.32 17.77 10.04
CA LEU B 73 -9.85 17.62 8.69
C LEU B 73 -9.26 18.66 7.76
N LEU B 74 -8.61 18.22 6.68
CA LEU B 74 -8.05 19.16 5.71
C LEU B 74 -9.12 20.08 5.14
N VAL B 75 -10.31 19.58 4.85
CA VAL B 75 -11.31 20.45 4.23
C VAL B 75 -11.75 21.57 5.19
N ASP B 76 -11.61 21.35 6.49
CA ASP B 76 -11.91 22.42 7.44
C ASP B 76 -10.82 23.50 7.38
N PHE B 77 -9.56 23.08 7.31
CA PHE B 77 -8.43 24.00 7.14
C PHE B 77 -8.67 24.87 5.90
N VAL B 78 -9.09 24.23 4.81
CA VAL B 78 -9.32 24.94 3.55
C VAL B 78 -10.47 25.94 3.65
N ARG B 79 -11.62 25.48 4.13
CA ARG B 79 -12.83 26.33 4.19
C ARG B 79 -12.67 27.45 5.23
N GLU B 80 -11.97 27.17 6.31
CA GLU B 80 -11.74 28.19 7.35
C GLU B 80 -10.97 29.39 6.82
N ARG B 81 -10.22 29.18 5.74
CA ARG B 81 -9.47 30.27 5.12
C ARG B 81 -10.18 30.81 3.88
N GLY B 82 -11.46 30.49 3.76
CA GLY B 82 -12.29 31.03 2.69
C GLY B 82 -12.00 30.48 1.31
N LEU B 83 -11.32 29.34 1.26
CA LEU B 83 -11.01 28.70 -0.01
C LEU B 83 -11.78 27.40 -0.17
N ASN B 84 -11.76 26.84 -1.38
CA ASN B 84 -12.33 25.52 -1.56
C ASN B 84 -11.65 24.73 -2.68
N ALA B 85 -10.33 24.85 -2.74
CA ALA B 85 -9.50 24.06 -3.64
C ALA B 85 -8.22 23.57 -2.96
N ILE B 86 -7.86 22.35 -3.31
CA ILE B 86 -6.62 21.71 -2.91
C ILE B 86 -5.79 21.45 -4.17
N VAL B 87 -4.49 21.72 -4.11
CA VAL B 87 -3.59 21.33 -5.19
C VAL B 87 -2.61 20.31 -4.64
N LYS B 88 -2.58 19.12 -5.26
CA LYS B 88 -1.75 18.01 -4.82
C LYS B 88 -0.78 17.59 -5.91
N GLY B 89 0.46 17.32 -5.56
CA GLY B 89 1.41 16.83 -6.53
C GLY B 89 1.36 15.31 -6.73
N LEU B 90 1.72 14.89 -7.93
CA LEU B 90 1.88 13.48 -8.30
C LEU B 90 3.35 13.19 -8.60
N ARG B 91 3.83 12.05 -8.10
CA ARG B 91 5.19 11.62 -8.35
C ARG B 91 5.18 10.13 -8.59
N THR B 92 6.31 9.58 -8.99
CA THR B 92 6.43 8.13 -9.12
C THR B 92 6.31 7.51 -7.74
N GLY B 93 5.37 6.59 -7.59
CA GLY B 93 5.11 5.98 -6.29
C GLY B 93 3.95 6.60 -5.53
N THR B 94 3.33 7.64 -6.09
CA THR B 94 2.09 8.14 -5.52
C THR B 94 1.00 7.08 -5.57
N ASP B 95 0.28 6.93 -4.48
CA ASP B 95 -0.89 6.04 -4.46
C ASP B 95 -2.05 6.84 -5.03
N PHE B 96 -2.17 6.85 -6.35
CA PHE B 96 -3.13 7.74 -6.98
C PHE B 96 -4.56 7.29 -6.70
N GLU B 97 -4.76 5.99 -6.61
CA GLU B 97 -6.10 5.48 -6.35
C GLU B 97 -6.58 5.97 -4.99
N TYR B 98 -5.69 6.01 -4.01
CA TYR B 98 -6.07 6.52 -2.70
C TYR B 98 -6.30 8.03 -2.74
N GLU B 99 -5.43 8.75 -3.45
CA GLU B 99 -5.62 10.19 -3.65
C GLU B 99 -6.98 10.49 -4.28
N LEU B 100 -7.38 9.67 -5.26
CA LEU B 100 -8.68 9.89 -5.90
CA LEU B 100 -8.68 9.84 -5.90
C LEU B 100 -9.82 9.62 -4.92
N GLN B 101 -9.69 8.56 -4.11
CA GLN B 101 -10.69 8.29 -3.10
C GLN B 101 -10.86 9.47 -2.14
N MET B 102 -9.74 9.98 -1.65
CA MET B 102 -9.79 11.14 -0.77
C MET B 102 -10.34 12.40 -1.47
N ALA B 103 -9.99 12.60 -2.74
CA ALA B 103 -10.55 13.75 -3.46
C ALA B 103 -12.06 13.67 -3.56
N GLN B 104 -12.58 12.48 -3.89
CA GLN B 104 -14.03 12.35 -4.01
C GLN B 104 -14.70 12.49 -2.64
N MET B 105 -14.05 11.97 -1.60
CA MET B 105 -14.56 12.14 -0.25
C MET B 105 -14.59 13.61 0.16
N ASN B 106 -13.50 14.32 -0.14
CA ASN B 106 -13.40 15.72 0.25
C ASN B 106 -14.41 16.60 -0.48
N LYS B 107 -14.68 16.28 -1.74
CA LYS B 107 -15.70 16.99 -2.49
C LYS B 107 -17.09 16.72 -1.89
N HIS B 108 -17.35 15.47 -1.55
CA HIS B 108 -18.64 15.08 -0.97
C HIS B 108 -18.92 15.75 0.38
N ILE B 109 -17.96 15.73 1.28
CA ILE B 109 -18.22 16.23 2.63
C ILE B 109 -18.12 17.76 2.76
N ALA B 110 -17.45 18.44 1.83
CA ALA B 110 -17.23 19.87 2.01
C ALA B 110 -17.26 20.71 0.74
N GLY B 111 -17.46 20.09 -0.41
CA GLY B 111 -17.52 20.83 -1.66
C GLY B 111 -16.18 21.34 -2.17
N VAL B 112 -15.10 20.81 -1.60
CA VAL B 112 -13.74 21.23 -1.95
C VAL B 112 -13.22 20.42 -3.15
N ASP B 113 -12.70 21.12 -4.15
CA ASP B 113 -12.13 20.50 -5.35
C ASP B 113 -10.67 20.17 -5.14
N THR B 114 -10.20 19.12 -5.79
CA THR B 114 -8.79 18.78 -5.76
C THR B 114 -8.23 18.75 -7.16
N PHE B 115 -7.18 19.54 -7.39
CA PHE B 115 -6.46 19.54 -8.65
C PHE B 115 -5.12 18.85 -8.48
N PHE B 116 -4.82 17.91 -9.36
CA PHE B 116 -3.56 17.18 -9.32
C PHE B 116 -2.62 17.64 -10.39
N VAL B 117 -1.34 17.78 -10.05
CA VAL B 117 -0.35 18.17 -11.03
C VAL B 117 0.89 17.29 -10.85
N ALA B 118 1.39 16.76 -11.95
CA ALA B 118 2.59 15.93 -11.90
C ALA B 118 3.83 16.78 -11.72
N THR B 119 4.72 16.33 -10.83
CA THR B 119 5.95 17.08 -10.68
C THR B 119 6.84 16.81 -11.90
N ALA B 120 7.81 17.69 -12.13
CA ALA B 120 8.74 17.54 -13.24
C ALA B 120 9.46 16.21 -13.18
N PRO B 121 9.80 15.66 -14.36
CA PRO B 121 10.49 14.37 -14.38
C PRO B 121 11.73 14.33 -13.48
N ALA B 122 12.52 15.40 -13.47
CA ALA B 122 13.73 15.43 -12.64
C ALA B 122 13.45 15.21 -11.15
N TYR B 123 12.27 15.62 -10.71
CA TYR B 123 11.92 15.56 -9.29
C TYR B 123 10.85 14.53 -9.01
N SER B 124 10.64 13.61 -9.95
CA SER B 124 9.53 12.68 -9.89
C SER B 124 9.78 11.44 -9.04
N PHE B 125 11.03 11.17 -8.66
CA PHE B 125 11.30 9.96 -7.88
C PHE B 125 11.75 10.26 -6.45
N VAL B 126 11.89 11.54 -6.11
CA VAL B 126 12.16 11.90 -4.73
C VAL B 126 10.86 11.90 -3.91
N SER B 127 10.96 11.48 -2.66
CA SER B 127 9.90 11.68 -1.69
C SER B 127 10.60 12.00 -0.38
N SER B 128 9.89 12.60 0.57
CA SER B 128 10.48 12.90 1.87
C SER B 128 11.06 11.63 2.49
N SER B 129 10.27 10.56 2.48
CA SER B 129 10.67 9.32 3.13
C SER B 129 11.90 8.70 2.46
N LEU B 130 11.90 8.64 1.14
CA LEU B 130 13.01 7.99 0.45
C LEU B 130 14.28 8.84 0.52
N ALA B 131 14.13 10.17 0.51
CA ALA B 131 15.30 11.04 0.67
C ALA B 131 15.96 10.83 2.04
N LYS B 132 15.15 10.77 3.09
CA LYS B 132 15.68 10.51 4.43
C LYS B 132 16.36 9.14 4.50
N GLU B 133 15.74 8.13 3.90
CA GLU B 133 16.29 6.78 3.92
C GLU B 133 17.65 6.73 3.21
N VAL B 134 17.72 7.31 2.01
CA VAL B 134 18.97 7.31 1.26
C VAL B 134 20.05 8.10 1.99
N ALA B 135 19.70 9.27 2.52
CA ALA B 135 20.67 10.11 3.22
C ALA B 135 21.19 9.44 4.48
N THR B 136 20.32 8.72 5.18
CA THR B 136 20.70 8.03 6.42
C THR B 136 21.88 7.08 6.18
N TYR B 137 21.92 6.46 5.01
CA TYR B 137 22.97 5.50 4.71
C TYR B 137 24.04 6.07 3.80
N GLY B 138 24.06 7.41 3.68
CA GLY B 138 25.16 8.09 3.03
C GLY B 138 25.01 8.34 1.54
N GLY B 139 23.81 8.15 1.00
CA GLY B 139 23.56 8.44 -0.39
C GLY B 139 23.39 9.94 -0.61
N ASP B 140 23.74 10.42 -1.79
CA ASP B 140 23.70 11.85 -2.07
C ASP B 140 22.40 12.29 -2.75
N VAL B 141 21.53 12.93 -1.97
CA VAL B 141 20.26 13.41 -2.51
C VAL B 141 20.24 14.93 -2.63
N SER B 142 21.41 15.56 -2.70
CA SER B 142 21.48 17.02 -2.73
C SER B 142 20.89 17.63 -4.00
N ALA B 143 20.78 16.85 -5.08
CA ALA B 143 20.20 17.35 -6.33
C ALA B 143 18.67 17.35 -6.27
N LEU B 144 18.13 16.74 -5.21
CA LEU B 144 16.70 16.51 -5.10
C LEU B 144 16.03 17.34 -4.01
N LEU B 145 16.82 18.12 -3.27
CA LEU B 145 16.32 18.91 -2.16
C LEU B 145 16.81 20.36 -2.28
N PRO B 146 16.03 21.33 -1.75
CA PRO B 146 16.55 22.69 -1.64
C PRO B 146 17.86 22.70 -0.85
N ALA B 147 18.76 23.63 -1.14
CA ALA B 147 20.09 23.63 -0.54
C ALA B 147 20.04 23.68 0.98
N SER B 148 19.14 24.52 1.50
CA SER B 148 19.04 24.72 2.94
C SER B 148 18.52 23.48 3.64
N VAL B 149 17.66 22.73 2.94
CA VAL B 149 17.15 21.49 3.48
C VAL B 149 18.24 20.44 3.57
N HIS B 150 19.04 20.30 2.51
CA HIS B 150 20.11 19.32 2.49
C HIS B 150 21.10 19.55 3.64
N GLN B 151 21.39 20.82 3.91
CA GLN B 151 22.27 21.18 5.02
C GLN B 151 21.69 20.72 6.35
N ARG B 152 20.42 21.02 6.58
CA ARG B 152 19.74 20.66 7.82
C ARG B 152 19.61 19.15 8.00
N LEU B 153 19.44 18.45 6.88
CA LEU B 153 19.28 17.00 6.91
C LEU B 153 20.54 16.34 7.42
N LEU B 154 21.69 16.78 6.92
CA LEU B 154 22.98 16.27 7.36
C LEU B 154 23.16 16.45 8.87
N GLY B 155 22.74 17.61 9.36
CA GLY B 155 22.84 17.92 10.78
C GLY B 155 22.02 16.99 11.66
N LYS B 156 20.79 16.69 11.23
CA LYS B 156 19.93 15.79 12.00
C LYS B 156 20.51 14.39 12.05
N LEU B 157 21.27 14.02 11.02
CA LEU B 157 21.84 12.68 10.93
C LEU B 157 23.19 12.57 11.65
N ARG B 158 23.99 13.64 11.59
CA ARG B 158 25.31 13.64 12.20
C ARG B 158 25.26 14.01 13.69
N MET C 2 32.34 -10.32 -18.30
CA MET C 2 32.33 -9.97 -16.88
C MET C 2 30.99 -9.33 -16.47
N THR C 3 29.89 -9.87 -16.99
CA THR C 3 28.57 -9.33 -16.68
C THR C 3 28.08 -9.87 -15.34
N GLY C 4 27.17 -9.14 -14.71
CA GLY C 4 26.69 -9.54 -13.41
C GLY C 4 25.48 -8.75 -12.95
N ALA C 5 24.68 -9.36 -12.08
CA ALA C 5 23.51 -8.70 -11.51
C ALA C 5 23.27 -9.17 -10.08
N VAL C 6 22.64 -8.33 -9.28
CA VAL C 6 22.23 -8.64 -7.93
C VAL C 6 20.71 -8.80 -7.86
N CYS C 7 20.26 -9.90 -7.26
CA CYS C 7 18.83 -10.14 -7.00
C CYS C 7 18.56 -9.96 -5.51
N PRO C 8 17.93 -8.85 -5.13
CA PRO C 8 17.75 -8.50 -3.72
C PRO C 8 16.37 -8.84 -3.17
N GLY C 9 16.31 -9.03 -1.85
CA GLY C 9 15.05 -9.33 -1.18
C GLY C 9 15.29 -9.73 0.25
N SER C 10 14.20 -9.97 0.97
CA SER C 10 14.31 -10.49 2.34
C SER C 10 14.23 -12.01 2.31
N PHE C 11 13.49 -12.55 1.34
CA PHE C 11 13.39 -13.99 1.10
C PHE C 11 13.09 -14.78 2.37
N ASP C 12 11.96 -14.45 2.98
CA ASP C 12 11.59 -15.00 4.29
C ASP C 12 10.27 -15.80 4.26
N PRO C 13 10.28 -16.98 3.62
CA PRO C 13 11.36 -17.67 2.94
C PRO C 13 11.36 -17.47 1.43
N VAL C 14 12.42 -17.94 0.78
CA VAL C 14 12.49 -17.96 -0.67
C VAL C 14 11.37 -18.84 -1.24
N THR C 15 10.73 -18.35 -2.31
CA THR C 15 9.66 -19.05 -2.98
C THR C 15 10.10 -19.54 -4.35
N LEU C 16 9.25 -20.32 -5.01
CA LEU C 16 9.54 -20.74 -6.37
C LEU C 16 9.45 -19.55 -7.33
N GLY C 17 8.72 -18.52 -6.93
CA GLY C 17 8.70 -17.28 -7.70
C GLY C 17 10.08 -16.63 -7.73
N HIS C 18 10.69 -16.54 -6.55
CA HIS C 18 12.06 -16.05 -6.44
C HIS C 18 13.02 -16.92 -7.24
N LEU C 19 12.90 -18.24 -7.06
CA LEU C 19 13.82 -19.16 -7.71
C LEU C 19 13.76 -19.05 -9.23
N ASP C 20 12.56 -18.91 -9.77
CA ASP C 20 12.39 -18.73 -11.21
C ASP C 20 13.19 -17.51 -11.68
N VAL C 21 13.09 -16.41 -10.96
CA VAL C 21 13.83 -15.21 -11.33
C VAL C 21 15.34 -15.41 -11.17
N PHE C 22 15.77 -16.06 -10.10
CA PHE C 22 17.19 -16.39 -9.92
C PHE C 22 17.75 -17.16 -11.12
N GLU C 23 16.99 -18.16 -11.56
CA GLU C 23 17.40 -19.02 -12.65
C GLU C 23 17.54 -18.23 -13.94
N ARG C 24 16.59 -17.33 -14.18
CA ARG C 24 16.64 -16.50 -15.37
C ARG C 24 17.83 -15.54 -15.32
N ALA C 25 18.06 -14.91 -14.17
CA ALA C 25 19.20 -14.03 -14.00
C ALA C 25 20.50 -14.81 -14.24
N ALA C 26 20.58 -16.00 -13.66
CA ALA C 26 21.79 -16.82 -13.79
C ALA C 26 22.00 -17.30 -15.23
N ALA C 27 20.92 -17.43 -15.99
CA ALA C 27 21.00 -17.80 -17.39
C ALA C 27 21.45 -16.65 -18.31
N GLN C 28 21.31 -15.40 -17.85
CA GLN C 28 21.53 -14.25 -18.72
C GLN C 28 22.68 -13.36 -18.29
N PHE C 29 23.24 -13.61 -17.11
CA PHE C 29 24.40 -12.87 -16.62
C PHE C 29 25.48 -13.85 -16.18
N ASP C 30 26.74 -13.49 -16.37
CA ASP C 30 27.85 -14.38 -16.00
C ASP C 30 27.88 -14.67 -14.51
N GLU C 31 27.49 -13.69 -13.71
CA GLU C 31 27.60 -13.75 -12.28
C GLU C 31 26.33 -13.21 -11.63
N VAL C 32 25.80 -13.92 -10.64
CA VAL C 32 24.62 -13.44 -9.91
C VAL C 32 24.85 -13.53 -8.41
N ILE C 33 24.49 -12.47 -7.70
CA ILE C 33 24.52 -12.48 -6.25
C ILE C 33 23.12 -12.25 -5.71
N VAL C 34 22.60 -13.21 -4.95
CA VAL C 34 21.36 -13.00 -4.23
C VAL C 34 21.68 -12.28 -2.94
N ALA C 35 21.13 -11.07 -2.80
CA ALA C 35 21.37 -10.25 -1.62
C ALA C 35 20.23 -10.41 -0.62
N VAL C 36 20.54 -11.03 0.50
CA VAL C 36 19.55 -11.23 1.55
C VAL C 36 19.61 -10.04 2.49
N LEU C 37 18.66 -9.12 2.32
CA LEU C 37 18.75 -7.82 2.97
C LEU C 37 18.11 -7.89 4.34
N ILE C 38 18.89 -7.54 5.36
CA ILE C 38 18.49 -7.72 6.75
C ILE C 38 18.23 -6.41 7.48
N ALA C 43 12.24 -8.44 11.80
CA ALA C 43 11.59 -9.40 12.68
C ALA C 43 10.66 -10.33 11.91
N GLY C 44 11.24 -11.23 11.12
CA GLY C 44 10.47 -12.16 10.34
C GLY C 44 10.49 -13.56 10.93
N MET C 45 10.30 -14.56 10.09
CA MET C 45 10.19 -15.94 10.53
C MET C 45 11.52 -16.66 10.60
N PHE C 46 12.34 -16.50 9.56
CA PHE C 46 13.63 -17.18 9.50
C PHE C 46 14.79 -16.24 9.78
N THR C 47 15.85 -16.78 10.38
CA THR C 47 17.06 -16.00 10.59
C THR C 47 17.78 -15.80 9.27
N VAL C 48 18.70 -14.85 9.22
CA VAL C 48 19.46 -14.58 8.00
C VAL C 48 20.18 -15.84 7.51
N ASP C 49 20.78 -16.58 8.44
CA ASP C 49 21.49 -17.80 8.09
C ASP C 49 20.55 -18.85 7.53
N GLU C 50 19.36 -18.94 8.11
CA GLU C 50 18.36 -19.90 7.64
C GLU C 50 17.91 -19.55 6.22
N ARG C 51 17.67 -18.27 5.98
CA ARG C 51 17.25 -17.82 4.66
C ARG C 51 18.34 -18.06 3.61
N ILE C 52 19.58 -17.79 4.00
CA ILE C 52 20.70 -18.02 3.10
C ILE C 52 20.83 -19.51 2.77
N GLU C 53 20.76 -20.35 3.81
CA GLU C 53 20.86 -21.80 3.61
C GLU C 53 19.74 -22.30 2.69
N MET C 54 18.52 -21.82 2.91
CA MET C 54 17.40 -22.25 2.08
C MET C 54 17.57 -21.86 0.62
N ILE C 55 18.10 -20.65 0.37
CA ILE C 55 18.38 -20.23 -0.99
C ILE C 55 19.52 -21.06 -1.60
N ARG C 56 20.59 -21.27 -0.83
CA ARG C 56 21.73 -22.05 -1.31
C ARG C 56 21.31 -23.48 -1.68
N GLU C 57 20.47 -24.09 -0.85
CA GLU C 57 19.93 -25.41 -1.12
C GLU C 57 19.10 -25.45 -2.41
N SER C 58 18.36 -24.37 -2.66
CA SER C 58 17.46 -24.32 -3.81
C SER C 58 18.18 -23.94 -5.09
N THR C 59 19.41 -23.44 -4.97
CA THR C 59 20.16 -22.95 -6.13
C THR C 59 21.43 -23.75 -6.40
N ALA C 60 21.50 -24.96 -5.86
CA ALA C 60 22.70 -25.79 -6.00
C ALA C 60 23.05 -26.10 -7.45
N ASP C 61 22.06 -26.05 -8.33
CA ASP C 61 22.27 -26.31 -9.75
C ASP C 61 22.65 -25.03 -10.53
N LEU C 62 22.91 -23.94 -9.81
CA LEU C 62 23.32 -22.69 -10.46
C LEU C 62 24.73 -22.30 -10.04
N PRO C 63 25.73 -22.75 -10.82
CA PRO C 63 27.14 -22.60 -10.46
C PRO C 63 27.62 -21.16 -10.39
N ASN C 64 26.95 -20.27 -11.12
CA ASN C 64 27.38 -18.88 -11.19
C ASN C 64 26.58 -17.97 -10.26
N LEU C 65 25.84 -18.57 -9.34
CA LEU C 65 25.07 -17.81 -8.36
C LEU C 65 25.61 -18.01 -6.96
N ARG C 66 25.74 -16.92 -6.20
CA ARG C 66 26.09 -17.02 -4.79
C ARG C 66 25.15 -16.18 -3.93
N VAL C 67 25.16 -16.43 -2.63
CA VAL C 67 24.20 -15.87 -1.71
C VAL C 67 24.91 -15.18 -0.57
N GLU C 68 24.62 -13.90 -0.37
CA GLU C 68 25.26 -13.10 0.67
C GLU C 68 24.24 -12.20 1.36
N SER C 69 24.44 -11.94 2.65
CA SER C 69 23.60 -11.02 3.37
C SER C 69 24.09 -9.59 3.16
N GLY C 70 23.21 -8.64 3.42
CA GLY C 70 23.55 -7.24 3.23
C GLY C 70 22.76 -6.31 4.11
N GLN C 71 23.30 -5.11 4.32
CA GLN C 71 22.66 -4.08 5.11
C GLN C 71 22.90 -2.73 4.45
N GLY C 72 22.07 -1.74 4.77
CA GLY C 72 22.27 -0.40 4.24
C GLY C 72 21.77 -0.26 2.83
N LEU C 73 22.37 0.63 2.06
CA LEU C 73 21.93 0.88 0.70
C LEU C 73 22.21 -0.30 -0.22
N LEU C 74 21.19 -0.77 -0.92
CA LEU C 74 21.37 -1.82 -1.91
C LEU C 74 22.41 -1.44 -2.97
N VAL C 75 22.44 -0.18 -3.40
CA VAL C 75 23.38 0.21 -4.44
C VAL C 75 24.83 0.08 -4.00
N ASP C 76 25.08 0.24 -2.70
CA ASP C 76 26.42 0.06 -2.16
C ASP C 76 26.80 -1.41 -2.19
N PHE C 77 25.84 -2.27 -1.84
CA PHE C 77 26.04 -3.71 -1.96
C PHE C 77 26.44 -4.11 -3.38
N VAL C 78 25.70 -3.56 -4.35
CA VAL C 78 25.95 -3.86 -5.75
C VAL C 78 27.33 -3.33 -6.19
N ARG C 79 27.58 -2.07 -5.92
CA ARG C 79 28.81 -1.37 -6.37
C ARG C 79 30.05 -1.95 -5.68
N GLU C 80 29.94 -2.30 -4.41
CA GLU C 80 31.08 -2.85 -3.68
C GLU C 80 31.52 -4.22 -4.21
N ARG C 81 30.68 -4.82 -5.05
CA ARG C 81 31.00 -6.09 -5.69
C ARG C 81 31.33 -5.94 -7.17
N GLY C 82 31.56 -4.69 -7.61
CA GLY C 82 32.00 -4.41 -8.96
C GLY C 82 30.89 -4.43 -10.01
N LEU C 83 29.65 -4.47 -9.54
CA LEU C 83 28.53 -4.54 -10.46
C LEU C 83 27.71 -3.26 -10.45
N ASN C 84 26.80 -3.13 -11.41
CA ASN C 84 25.86 -2.02 -11.39
C ASN C 84 24.53 -2.39 -12.03
N ALA C 85 24.10 -3.63 -11.80
CA ALA C 85 22.78 -4.07 -12.24
C ALA C 85 22.06 -4.82 -11.13
N ILE C 86 20.76 -4.56 -11.04
CA ILE C 86 19.84 -5.26 -10.17
C ILE C 86 18.82 -5.97 -11.05
N VAL C 87 18.49 -7.22 -10.72
CA VAL C 87 17.39 -7.91 -11.37
C VAL C 87 16.31 -8.18 -10.32
N LYS C 88 15.11 -7.69 -10.60
CA LYS C 88 14.00 -7.78 -9.65
C LYS C 88 12.81 -8.46 -10.31
N GLY C 89 12.16 -9.37 -9.59
CA GLY C 89 11.02 -10.08 -10.14
C GLY C 89 9.72 -9.33 -9.94
N LEU C 90 8.78 -9.56 -10.85
CA LEU C 90 7.42 -9.03 -10.77
C LEU C 90 6.45 -10.18 -10.57
N ARG C 91 5.52 -10.00 -9.65
CA ARG C 91 4.47 -10.98 -9.38
C ARG C 91 3.16 -10.23 -9.24
N THR C 92 2.07 -10.98 -9.14
CA THR C 92 0.77 -10.38 -8.85
C THR C 92 0.82 -9.82 -7.46
N GLY C 93 0.57 -8.52 -7.34
CA GLY C 93 0.63 -7.85 -6.06
C GLY C 93 1.91 -7.07 -5.82
N THR C 94 2.83 -7.13 -6.79
CA THR C 94 3.99 -6.24 -6.73
C THR C 94 3.54 -4.78 -6.76
N ASP C 95 4.10 -3.97 -5.86
CA ASP C 95 3.89 -2.52 -5.92
C ASP C 95 4.86 -1.97 -6.95
N PHE C 96 4.46 -1.99 -8.21
CA PHE C 96 5.40 -1.68 -9.28
C PHE C 96 5.76 -0.21 -9.27
N GLU C 97 4.82 0.65 -8.88
CA GLU C 97 5.09 2.09 -8.86
C GLU C 97 6.19 2.40 -7.85
N TYR C 98 6.15 1.72 -6.70
CA TYR C 98 7.21 1.92 -5.73
C TYR C 98 8.53 1.35 -6.24
N GLU C 99 8.50 0.18 -6.89
CA GLU C 99 9.72 -0.35 -7.48
C GLU C 99 10.32 0.61 -8.50
N LEU C 100 9.47 1.25 -9.31
CA LEU C 100 9.96 2.20 -10.30
CA LEU C 100 9.92 2.23 -10.30
C LEU C 100 10.60 3.40 -9.62
N GLN C 101 10.00 3.88 -8.54
CA GLN C 101 10.57 5.01 -7.79
C GLN C 101 11.97 4.67 -7.30
N MET C 102 12.10 3.50 -6.72
CA MET C 102 13.38 3.07 -6.19
C MET C 102 14.40 2.85 -7.30
N ALA C 103 13.96 2.32 -8.43
CA ALA C 103 14.85 2.13 -9.57
C ALA C 103 15.39 3.46 -10.05
N GLN C 104 14.53 4.47 -10.15
CA GLN C 104 15.01 5.76 -10.65
C GLN C 104 15.94 6.42 -9.63
N MET C 105 15.62 6.26 -8.34
CA MET C 105 16.50 6.77 -7.28
C MET C 105 17.86 6.06 -7.30
N ASN C 106 17.84 4.74 -7.44
CA ASN C 106 19.09 3.96 -7.44
C ASN C 106 19.98 4.30 -8.62
N LYS C 107 19.38 4.55 -9.78
CA LYS C 107 20.13 5.02 -10.94
C LYS C 107 20.74 6.39 -10.68
N HIS C 108 19.96 7.26 -10.05
CA HIS C 108 20.41 8.62 -9.80
C HIS C 108 21.60 8.67 -8.85
N ILE C 109 21.52 7.91 -7.76
CA ILE C 109 22.55 8.04 -6.71
C ILE C 109 23.78 7.18 -6.94
N ALA C 110 23.71 6.18 -7.81
CA ALA C 110 24.84 5.27 -7.99
C ALA C 110 25.05 4.72 -9.39
N GLY C 111 24.24 5.13 -10.36
CA GLY C 111 24.37 4.66 -11.73
C GLY C 111 24.05 3.18 -11.91
N VAL C 112 23.28 2.62 -10.99
CA VAL C 112 22.87 1.22 -11.04
C VAL C 112 21.56 1.07 -11.81
N ASP C 113 21.57 0.16 -12.78
CA ASP C 113 20.37 -0.15 -13.57
C ASP C 113 19.53 -1.21 -12.89
N THR C 114 18.22 -1.13 -13.07
CA THR C 114 17.33 -2.18 -12.57
C THR C 114 16.55 -2.80 -13.73
N PHE C 115 16.66 -4.12 -13.83
CA PHE C 115 15.92 -4.86 -14.83
C PHE C 115 14.83 -5.65 -14.15
N PHE C 116 13.60 -5.50 -14.65
CA PHE C 116 12.46 -6.21 -14.09
C PHE C 116 12.06 -7.39 -14.97
N VAL C 117 11.75 -8.53 -14.35
CA VAL C 117 11.29 -9.67 -15.12
C VAL C 117 10.11 -10.32 -14.41
N ALA C 118 9.05 -10.59 -15.16
CA ALA C 118 7.88 -11.24 -14.56
C ALA C 118 8.13 -12.71 -14.25
N THR C 119 7.71 -13.14 -13.07
CA THR C 119 7.81 -14.55 -12.74
CA THR C 119 7.76 -14.56 -12.70
C THR C 119 6.83 -15.36 -13.61
N ALA C 120 7.08 -16.66 -13.72
CA ALA C 120 6.20 -17.54 -14.47
C ALA C 120 4.79 -17.46 -13.89
N PRO C 121 3.78 -17.60 -14.76
CA PRO C 121 2.39 -17.58 -14.29
C PRO C 121 2.13 -18.53 -13.11
N ALA C 122 2.69 -19.73 -13.14
CA ALA C 122 2.45 -20.68 -12.06
C ALA C 122 2.91 -20.18 -10.69
N TYR C 123 3.91 -19.30 -10.68
CA TYR C 123 4.50 -18.81 -9.45
C TYR C 123 4.20 -17.34 -9.23
N SER C 124 3.21 -16.83 -9.95
CA SER C 124 2.93 -15.40 -9.97
C SER C 124 2.07 -14.91 -8.81
N PHE C 125 1.45 -15.81 -8.05
CA PHE C 125 0.60 -15.37 -6.95
C PHE C 125 1.14 -15.75 -5.57
N VAL C 126 2.30 -16.40 -5.52
CA VAL C 126 2.94 -16.66 -4.25
C VAL C 126 3.79 -15.45 -3.87
N SER C 127 3.86 -15.19 -2.56
CA SER C 127 4.81 -14.24 -2.01
C SER C 127 5.24 -14.87 -0.71
N SER C 128 6.36 -14.42 -0.14
CA SER C 128 6.78 -14.98 1.14
C SER C 128 5.69 -14.77 2.19
N SER C 129 5.11 -13.57 2.24
CA SER C 129 4.11 -13.25 3.24
C SER C 129 2.84 -14.07 3.09
N LEU C 130 2.32 -14.18 1.88
CA LEU C 130 1.08 -14.91 1.68
C LEU C 130 1.29 -16.41 1.91
N ALA C 131 2.45 -16.92 1.53
CA ALA C 131 2.77 -18.33 1.75
C ALA C 131 2.77 -18.64 3.26
N LYS C 132 3.40 -17.78 4.04
CA LYS C 132 3.43 -17.97 5.49
C LYS C 132 2.02 -17.91 6.09
N GLU C 133 1.26 -16.90 5.69
CA GLU C 133 -0.13 -16.74 6.16
C GLU C 133 -0.98 -17.97 5.87
N VAL C 134 -0.96 -18.43 4.62
CA VAL C 134 -1.78 -19.56 4.23
C VAL C 134 -1.34 -20.83 4.97
N ALA C 135 -0.03 -21.07 5.03
CA ALA C 135 0.48 -22.25 5.72
C ALA C 135 0.16 -22.23 7.21
N THR C 136 0.18 -21.04 7.81
CA THR C 136 -0.12 -20.88 9.23
C THR C 136 -1.51 -21.44 9.56
N TYR C 137 -2.45 -21.24 8.64
CA TYR C 137 -3.83 -21.68 8.84
C TYR C 137 -4.15 -23.00 8.17
N GLY C 138 -3.11 -23.77 7.84
CA GLY C 138 -3.29 -25.12 7.34
C GLY C 138 -3.42 -25.28 5.84
N GLY C 139 -3.26 -24.20 5.08
CA GLY C 139 -3.33 -24.30 3.65
C GLY C 139 -2.09 -24.94 3.04
N ASP C 140 -2.26 -25.63 1.92
CA ASP C 140 -1.19 -26.36 1.26
C ASP C 140 -0.48 -25.49 0.22
N VAL C 141 0.72 -25.03 0.58
CA VAL C 141 1.54 -24.22 -0.33
C VAL C 141 2.74 -24.99 -0.85
N SER C 142 2.68 -26.33 -0.79
CA SER C 142 3.82 -27.16 -1.16
C SER C 142 4.20 -27.05 -2.64
N ALA C 143 3.24 -26.67 -3.48
CA ALA C 143 3.50 -26.53 -4.91
C ALA C 143 4.20 -25.20 -5.25
N LEU C 144 4.34 -24.34 -4.25
CA LEU C 144 4.77 -22.96 -4.47
C LEU C 144 6.12 -22.63 -3.86
N LEU C 145 6.71 -23.62 -3.18
CA LEU C 145 7.97 -23.44 -2.47
C LEU C 145 8.91 -24.58 -2.83
N PRO C 146 10.23 -24.34 -2.75
CA PRO C 146 11.16 -25.46 -2.91
C PRO C 146 10.89 -26.53 -1.88
N ALA C 147 11.09 -27.81 -2.23
CA ALA C 147 10.76 -28.92 -1.34
C ALA C 147 11.38 -28.74 0.03
N SER C 148 12.63 -28.30 0.04
CA SER C 148 13.37 -28.08 1.29
C SER C 148 12.71 -27.03 2.16
N VAL C 149 12.44 -25.87 1.57
CA VAL C 149 11.80 -24.75 2.26
C VAL C 149 10.49 -25.15 2.90
N HIS C 150 9.68 -25.91 2.18
CA HIS C 150 8.37 -26.30 2.66
C HIS C 150 8.48 -27.10 3.95
N GLN C 151 9.38 -28.08 3.98
CA GLN C 151 9.59 -28.84 5.20
C GLN C 151 10.06 -27.96 6.35
N ARG C 152 10.97 -27.03 6.07
CA ARG C 152 11.45 -26.10 7.08
C ARG C 152 10.33 -25.23 7.66
N LEU C 153 9.45 -24.76 6.77
CA LEU C 153 8.30 -23.95 7.17
C LEU C 153 7.38 -24.70 8.11
N LEU C 154 7.09 -25.96 7.76
CA LEU C 154 6.24 -26.80 8.59
C LEU C 154 6.89 -26.95 9.97
N GLY C 155 8.22 -26.99 9.99
CA GLY C 155 8.96 -27.07 11.23
C GLY C 155 8.80 -25.85 12.12
N LYS C 156 8.88 -24.66 11.53
CA LYS C 156 8.76 -23.42 12.30
C LYS C 156 7.37 -23.25 12.88
N LEU C 157 6.37 -23.76 12.17
CA LEU C 157 4.98 -23.64 12.60
C LEU C 157 4.65 -24.69 13.66
N ARG C 158 4.99 -25.93 13.37
CA ARG C 158 4.74 -27.03 14.29
C ARG C 158 5.93 -27.22 15.25
#